data_8EFJ
#
_entry.id   8EFJ
#
_cell.length_a   66.180
_cell.length_b   70.440
_cell.length_c   77.000
_cell.angle_alpha   90.000
_cell.angle_beta   90.000
_cell.angle_gamma   90.000
#
_symmetry.space_group_name_H-M   'P 21 21 21'
#
loop_
_entity.id
_entity.type
_entity.pdbx_description
1 polymer 'Mitogen-activated protein kinase 14'
2 non-polymer 'octyl beta-D-glucopyranoside'
3 non-polymer (4P)-4-[5-(2-chloro-6-fluoroanilino)-6-(methoxymethyl)-1H-indazol-1-yl]-N-methylthiophene-2-carboxamide
4 water water
#
_entity_poly.entity_id   1
_entity_poly.type   'polypeptide(L)'
_entity_poly.pdbx_seq_one_letter_code
;MAHHHHHHSQERPTFYRQELNKTIWEVPERYQNLSPVGSGAYGSVCAAFDTKTGHRVAVKKLSRPFQSIIHAKRTYRELR
LLKHMKHENVIGLLDVFTPARSLEEFNDVYLVTHLMGADLNNIVKCQKLTDDHVQFLIYQILRGLKYIHSADIIHRDLKP
SNLAVNEDCELKILDFGLARHTDDEMTGYVATRWYRAPEIMLNWMHYNQTVDIWSVGCIMAELLTGRTLFPGTDHIDQLK
LILRLVGTPGAELLKKISSESARNYIQSLAQMPKMNFANVFIGANPLAVDLLEKMLVLDSDKRITAAQALAHAYFAQYHD
PDDEPVADPYDQSFESRDLLIDEWKSLTYDEVISFVPPPLDQEEMES
;
_entity_poly.pdbx_strand_id   A
#
loop_
_chem_comp.id
_chem_comp.type
_chem_comp.name
_chem_comp.formula
BOG D-saccharide 'octyl beta-D-glucopyranoside' 'C14 H28 O6'
WHQ non-polymer (4P)-4-[5-(2-chloro-6-fluoroanilino)-6-(methoxymethyl)-1H-indazol-1-yl]-N-methylthiophene-2-carboxamide 'C21 H18 Cl F N4 O2 S'
#
# COMPACT_ATOMS: atom_id res chain seq x y z
N ARG A 12 -5.62 -30.41 -10.66
CA ARG A 12 -6.15 -29.81 -9.44
C ARG A 12 -5.50 -30.47 -8.22
N PRO A 13 -4.88 -29.67 -7.35
CA PRO A 13 -4.33 -30.22 -6.12
C PRO A 13 -5.45 -30.72 -5.21
N THR A 14 -5.05 -31.57 -4.26
CA THR A 14 -5.94 -31.95 -3.17
C THR A 14 -5.90 -30.87 -2.09
N PHE A 15 -7.07 -30.50 -1.59
CA PHE A 15 -7.23 -29.53 -0.51
C PHE A 15 -7.43 -30.25 0.82
N TYR A 16 -7.13 -29.54 1.90
CA TYR A 16 -7.46 -29.99 3.24
C TYR A 16 -7.98 -28.82 4.06
N ARG A 17 -8.76 -29.13 5.09
CA ARG A 17 -9.41 -28.08 5.87
C ARG A 17 -8.78 -28.01 7.25
N GLN A 18 -8.88 -26.83 7.86
CA GLN A 18 -8.23 -26.58 9.15
C GLN A 18 -8.78 -25.28 9.73
N GLU A 19 -9.01 -25.29 11.02
CA GLU A 19 -9.50 -24.13 11.74
C GLU A 19 -8.34 -23.40 12.40
N LEU A 20 -8.22 -22.10 12.14
CA LEU A 20 -7.27 -21.23 12.83
C LEU A 20 -8.03 -20.04 13.37
N ASN A 21 -7.84 -19.76 14.66
CA ASN A 21 -8.46 -18.61 15.30
C ASN A 21 -9.85 -18.36 14.74
N LYS A 22 -10.64 -19.43 14.71
CA LYS A 22 -12.08 -19.37 14.44
C LYS A 22 -12.41 -19.17 12.97
N THR A 23 -11.44 -19.20 12.06
CA THR A 23 -11.72 -19.16 10.64
C THR A 23 -11.25 -20.46 9.99
N ILE A 24 -12.06 -20.96 9.06
CA ILE A 24 -11.79 -22.20 8.35
C ILE A 24 -10.91 -21.92 7.13
N TRP A 25 -9.85 -22.70 6.97
CA TRP A 25 -8.90 -22.55 5.87
C TRP A 25 -8.89 -23.84 5.05
N GLU A 26 -9.18 -23.72 3.74
CA GLU A 26 -9.11 -24.84 2.81
C GLU A 26 -8.06 -24.53 1.76
N VAL A 27 -6.99 -25.32 1.73
CA VAL A 27 -5.85 -24.97 0.88
C VAL A 27 -5.27 -26.24 0.27
N PRO A 28 -4.53 -26.10 -0.83
CA PRO A 28 -3.78 -27.24 -1.38
C PRO A 28 -2.81 -27.80 -0.37
N GLU A 29 -2.60 -29.13 -0.41
CA GLU A 29 -1.72 -29.83 0.56
C GLU A 29 -0.29 -29.28 0.53
N ARG A 30 0.07 -28.58 -0.54
CA ARG A 30 1.45 -28.05 -0.69
C ARG A 30 1.68 -27.08 0.47
N TYR A 31 0.67 -26.28 0.80
CA TYR A 31 0.79 -25.35 1.93
C TYR A 31 0.68 -26.15 3.24
N GLN A 32 1.62 -25.95 4.16
CA GLN A 32 1.68 -26.73 5.43
C GLN A 32 2.08 -25.80 6.57
N ASN A 33 1.86 -26.23 7.82
CA ASN A 33 2.27 -25.43 9.01
C ASN A 33 1.60 -24.06 9.02
N LEU A 34 0.32 -23.99 8.67
CA LEU A 34 -0.31 -22.65 8.61
C LEU A 34 -0.29 -22.05 10.02
N SER A 35 0.15 -20.81 10.15
CA SER A 35 0.12 -20.08 11.45
C SER A 35 -0.51 -18.71 11.21
N PRO A 36 -1.47 -18.24 12.01
CA PRO A 36 -2.08 -16.94 11.72
C PRO A 36 -1.05 -15.82 11.83
N VAL A 37 -1.02 -14.90 10.87
CA VAL A 37 -0.13 -13.72 11.01
C VAL A 37 -0.96 -12.56 11.57
N GLY A 38 -2.16 -12.38 11.00
CA GLY A 38 -3.05 -11.30 11.45
C GLY A 38 -4.51 -11.51 11.06
N SER A 39 -5.43 -10.82 11.72
CA SER A 39 -6.85 -10.85 11.28
C SER A 39 -7.16 -9.42 10.84
N GLY A 40 -7.71 -9.24 9.65
CA GLY A 40 -7.85 -7.87 9.12
C GLY A 40 -9.14 -7.57 8.38
N ALA A 41 -9.45 -6.29 8.24
CA ALA A 41 -10.63 -5.86 7.45
C ALA A 41 -10.38 -6.33 6.02
N TYR A 42 -9.14 -6.25 5.57
CA TYR A 42 -8.77 -6.76 4.21
C TYR A 42 -9.15 -8.24 4.13
N GLY A 43 -8.73 -9.02 5.12
CA GLY A 43 -8.97 -10.47 5.07
C GLY A 43 -8.28 -11.18 6.21
N SER A 44 -8.26 -12.52 6.17
CA SER A 44 -7.53 -13.29 7.18
C SER A 44 -6.20 -13.74 6.58
N VAL A 45 -5.09 -13.49 7.28
CA VAL A 45 -3.75 -13.81 6.71
C VAL A 45 -3.05 -14.85 7.58
N CYS A 46 -2.53 -15.91 6.96
CA CYS A 46 -1.78 -16.97 7.69
C CYS A 46 -0.41 -17.20 7.07
N ALA A 47 0.65 -17.25 7.87
CA ALA A 47 1.97 -17.67 7.34
C ALA A 47 1.89 -19.17 7.03
N ALA A 48 2.54 -19.62 5.95
CA ALA A 48 2.54 -21.05 5.58
C ALA A 48 3.89 -21.45 4.98
N PHE A 49 4.21 -22.74 5.00
CA PHE A 49 5.45 -23.22 4.34
C PHE A 49 5.05 -23.97 3.07
N ASP A 50 5.67 -23.62 1.95
CA ASP A 50 5.26 -24.27 0.68
C ASP A 50 6.22 -25.43 0.44
N THR A 51 5.67 -26.66 0.46
CA THR A 51 6.49 -27.88 0.30
C THR A 51 7.14 -27.88 -1.09
N LYS A 52 6.41 -27.38 -2.08
CA LYS A 52 6.87 -27.40 -3.50
C LYS A 52 8.07 -26.46 -3.71
N THR A 53 8.07 -25.30 -3.05
CA THR A 53 9.17 -24.33 -3.28
C THR A 53 10.22 -24.30 -2.17
N GLY A 54 9.94 -24.85 -0.98
CA GLY A 54 10.87 -24.72 0.15
C GLY A 54 10.85 -23.30 0.69
N HIS A 55 9.83 -22.52 0.35
CA HIS A 55 9.77 -21.09 0.75
C HIS A 55 8.54 -20.78 1.62
N ARG A 56 8.74 -20.00 2.69
CA ARG A 56 7.60 -19.55 3.52
C ARG A 56 6.73 -18.59 2.69
N VAL A 57 5.42 -18.63 2.87
CA VAL A 57 4.49 -17.81 2.05
C VAL A 57 3.45 -17.12 2.95
N ALA A 58 2.88 -16.03 2.47
CA ALA A 58 1.77 -15.39 3.20
C ALA A 58 0.49 -15.69 2.41
N VAL A 59 -0.52 -16.23 3.09
CA VAL A 59 -1.78 -16.62 2.39
C VAL A 59 -2.90 -15.73 2.91
N LYS A 60 -3.63 -15.10 1.99
CA LYS A 60 -4.73 -14.21 2.38
C LYS A 60 -6.05 -14.82 1.89
N LYS A 61 -7.02 -14.93 2.78
CA LYS A 61 -8.33 -15.48 2.38
C LYS A 61 -9.31 -14.30 2.32
N LEU A 62 -9.96 -14.15 1.17
CA LEU A 62 -10.89 -13.01 0.98
C LEU A 62 -12.11 -13.19 1.87
N SER A 63 -12.45 -12.16 2.65
CA SER A 63 -13.57 -12.23 3.57
C SER A 63 -14.88 -12.00 2.82
N ARG A 64 -15.66 -13.08 2.63
CA ARG A 64 -17.01 -13.04 2.06
C ARG A 64 -16.99 -12.31 0.73
N PRO A 65 -16.33 -12.88 -0.28
CA PRO A 65 -15.99 -12.09 -1.47
C PRO A 65 -17.18 -11.63 -2.28
N PHE A 66 -18.33 -12.29 -2.20
CA PHE A 66 -19.45 -12.01 -3.09
C PHE A 66 -20.73 -11.73 -2.31
N GLN A 67 -20.61 -11.15 -1.10
CA GLN A 67 -21.76 -10.91 -0.25
C GLN A 67 -22.63 -9.77 -0.76
N SER A 68 -22.02 -8.83 -1.48
CA SER A 68 -22.75 -7.70 -2.02
C SER A 68 -22.02 -7.25 -3.26
N ILE A 69 -22.74 -6.49 -4.09
CA ILE A 69 -22.16 -5.93 -5.31
C ILE A 69 -20.85 -5.25 -4.99
N ILE A 70 -20.82 -4.49 -3.88
CA ILE A 70 -19.62 -3.75 -3.51
C ILE A 70 -18.47 -4.71 -3.18
N HIS A 71 -18.76 -5.74 -2.36
CA HIS A 71 -17.72 -6.73 -2.04
C HIS A 71 -17.27 -7.48 -3.28
N ALA A 72 -18.20 -7.79 -4.18
CA ALA A 72 -17.85 -8.58 -5.36
C ALA A 72 -16.92 -7.80 -6.29
N LYS A 73 -17.28 -6.54 -6.58
CA LYS A 73 -16.43 -5.71 -7.41
C LYS A 73 -15.07 -5.53 -6.76
N ARG A 74 -15.06 -5.35 -5.44
CA ARG A 74 -13.82 -5.18 -4.70
C ARG A 74 -12.95 -6.43 -4.77
N THR A 75 -13.57 -7.61 -4.73
CA THR A 75 -12.82 -8.85 -4.89
C THR A 75 -12.13 -8.88 -6.25
N TYR A 76 -12.90 -8.58 -7.30
CA TYR A 76 -12.37 -8.55 -8.66
C TYR A 76 -11.28 -7.50 -8.81
N ARG A 77 -11.52 -6.31 -8.27
CA ARG A 77 -10.50 -5.26 -8.27
C ARG A 77 -9.19 -5.77 -7.67
N GLU A 78 -9.25 -6.38 -6.48
CA GLU A 78 -8.02 -6.79 -5.84
C GLU A 78 -7.29 -7.85 -6.65
N LEU A 79 -8.03 -8.82 -7.19
CA LEU A 79 -7.38 -9.87 -7.98
C LEU A 79 -6.74 -9.29 -9.24
N ARG A 80 -7.46 -8.41 -9.95
CA ARG A 80 -6.91 -7.78 -11.14
C ARG A 80 -5.63 -7.00 -10.81
N LEU A 81 -5.70 -6.18 -9.75
CA LEU A 81 -4.55 -5.40 -9.31
C LEU A 81 -3.35 -6.32 -9.08
N LEU A 82 -3.53 -7.30 -8.20
CA LEU A 82 -2.39 -8.10 -7.78
C LEU A 82 -1.86 -8.94 -8.92
N LYS A 83 -2.71 -9.35 -9.85
CA LYS A 83 -2.22 -10.10 -11.01
C LYS A 83 -1.35 -9.23 -11.91
N HIS A 84 -1.57 -7.91 -11.90
CA HIS A 84 -0.80 -7.04 -12.78
C HIS A 84 0.56 -6.68 -12.21
N MET A 85 0.72 -6.73 -10.89
CA MET A 85 1.90 -6.24 -10.21
C MET A 85 3.08 -7.20 -10.38
N LYS A 86 4.08 -6.80 -11.17
CA LYS A 86 5.31 -7.59 -11.36
C LYS A 86 6.49 -6.64 -11.20
N HIS A 87 6.90 -6.41 -9.96
CA HIS A 87 7.96 -5.43 -9.69
C HIS A 87 8.65 -5.83 -8.40
N GLU A 88 9.96 -5.57 -8.32
CA GLU A 88 10.76 -6.09 -7.22
C GLU A 88 10.30 -5.53 -5.86
N ASN A 89 9.76 -4.31 -5.83
CA ASN A 89 9.32 -3.70 -4.59
C ASN A 89 7.81 -3.65 -4.45
N VAL A 90 7.08 -4.48 -5.18
CA VAL A 90 5.64 -4.57 -5.00
C VAL A 90 5.26 -6.04 -4.79
N ILE A 91 4.29 -6.26 -3.91
CA ILE A 91 3.76 -7.60 -3.69
C ILE A 91 3.45 -8.24 -5.04
N GLY A 92 3.95 -9.45 -5.27
CA GLY A 92 3.62 -10.23 -6.45
C GLY A 92 2.91 -11.51 -6.07
N LEU A 93 2.04 -11.99 -6.96
CA LEU A 93 1.23 -13.17 -6.68
C LEU A 93 2.00 -14.42 -7.07
N LEU A 94 2.23 -15.29 -6.09
CA LEU A 94 2.77 -16.61 -6.36
C LEU A 94 1.68 -17.61 -6.73
N ASP A 95 0.49 -17.45 -6.15
CA ASP A 95 -0.61 -18.38 -6.37
C ASP A 95 -1.93 -17.69 -6.10
N VAL A 96 -2.96 -18.17 -6.78
CA VAL A 96 -4.36 -17.84 -6.52
C VAL A 96 -5.15 -19.13 -6.66
N PHE A 97 -6.01 -19.43 -5.68
CA PHE A 97 -6.78 -20.67 -5.77
C PHE A 97 -8.11 -20.51 -5.05
N THR A 98 -9.01 -21.46 -5.32
CA THR A 98 -10.29 -21.64 -4.63
C THR A 98 -10.54 -23.14 -4.50
N PRO A 99 -11.09 -23.59 -3.37
CA PRO A 99 -11.46 -25.02 -3.27
C PRO A 99 -12.59 -25.41 -4.21
N ALA A 100 -13.26 -24.44 -4.84
CA ALA A 100 -14.41 -24.75 -5.68
C ALA A 100 -13.99 -25.49 -6.94
N ARG A 101 -14.74 -26.54 -7.27
CA ARG A 101 -14.58 -27.27 -8.52
C ARG A 101 -15.35 -26.65 -9.68
N SER A 102 -16.24 -25.70 -9.42
CA SER A 102 -17.08 -25.11 -10.46
C SER A 102 -17.44 -23.69 -10.07
N LEU A 103 -17.94 -22.94 -11.06
CA LEU A 103 -18.37 -21.57 -10.79
C LEU A 103 -19.56 -21.53 -9.84
N GLU A 104 -20.43 -22.53 -9.94
CA GLU A 104 -21.61 -22.58 -9.07
C GLU A 104 -21.20 -22.75 -7.62
N GLU A 105 -20.10 -23.43 -7.35
CA GLU A 105 -19.59 -23.64 -6.01
C GLU A 105 -18.64 -22.55 -5.55
N PHE A 106 -18.24 -21.64 -6.45
CA PHE A 106 -17.24 -20.61 -6.19
C PHE A 106 -17.73 -19.64 -5.11
N ASN A 107 -17.08 -19.66 -3.94
CA ASN A 107 -17.44 -18.71 -2.89
C ASN A 107 -16.26 -18.26 -2.04
N ASP A 108 -15.04 -18.67 -2.32
CA ASP A 108 -13.86 -18.22 -1.58
C ASP A 108 -12.70 -18.03 -2.54
N VAL A 109 -11.86 -17.05 -2.22
CA VAL A 109 -10.66 -16.76 -3.00
C VAL A 109 -9.49 -16.66 -2.04
N TYR A 110 -8.40 -17.34 -2.39
CA TYR A 110 -7.16 -17.30 -1.58
C TYR A 110 -6.03 -16.70 -2.43
N LEU A 111 -5.24 -15.81 -1.84
CA LEU A 111 -4.12 -15.16 -2.57
C LEU A 111 -2.80 -15.51 -1.87
N VAL A 112 -1.79 -15.93 -2.63
CA VAL A 112 -0.50 -16.38 -2.03
C VAL A 112 0.66 -15.48 -2.49
N THR A 113 1.50 -15.04 -1.56
CA THR A 113 2.69 -14.24 -1.91
C THR A 113 3.86 -14.70 -1.02
N HIS A 114 5.08 -14.26 -1.31
CA HIS A 114 6.23 -14.61 -0.46
C HIS A 114 6.07 -13.94 0.92
N LEU A 115 6.44 -14.66 1.98
CA LEU A 115 6.34 -14.10 3.35
C LEU A 115 7.57 -13.24 3.66
N MET A 116 7.37 -11.94 3.89
CA MET A 116 8.50 -11.01 4.19
C MET A 116 8.92 -11.22 5.64
N GLY A 117 10.18 -10.95 5.97
CA GLY A 117 10.66 -11.10 7.36
C GLY A 117 10.01 -10.18 8.38
N ALA A 118 9.82 -8.89 8.06
CA ALA A 118 9.28 -7.98 9.10
C ALA A 118 8.47 -6.81 8.54
N ASP A 119 7.50 -6.33 9.31
CA ASP A 119 6.71 -5.10 9.00
C ASP A 119 7.58 -3.87 9.28
N LEU A 120 7.25 -2.72 8.65
CA LEU A 120 7.99 -1.46 8.92
C LEU A 120 7.79 -1.07 10.41
N ASN A 121 6.60 -1.29 10.96
CA ASN A 121 6.34 -0.92 12.37
C ASN A 121 7.27 -1.70 13.30
N ASN A 122 7.47 -2.99 13.01
CA ASN A 122 8.37 -3.83 13.84
C ASN A 122 9.81 -3.29 13.74
N ILE A 123 10.23 -2.91 12.54
CA ILE A 123 11.61 -2.38 12.35
C ILE A 123 11.77 -1.09 13.14
N VAL A 124 10.76 -0.21 13.10
CA VAL A 124 10.89 1.10 13.80
C VAL A 124 11.03 0.81 15.31
N LYS A 125 10.22 -0.12 15.82
CA LYS A 125 10.33 -0.52 17.25
C LYS A 125 11.68 -1.20 17.52
N CYS A 126 12.13 -2.07 16.61
CA CYS A 126 13.36 -2.86 16.86
C CYS A 126 14.62 -2.00 16.99
N GLN A 127 14.78 -1.00 16.12
CA GLN A 127 16.05 -0.22 16.13
C GLN A 127 15.83 1.20 15.61
N LYS A 128 16.75 2.12 15.93
CA LYS A 128 16.65 3.46 15.31
C LYS A 128 17.42 3.35 14.00
N LEU A 129 16.76 3.63 12.89
CA LEU A 129 17.39 3.42 11.56
C LEU A 129 18.51 4.42 11.28
N THR A 130 19.56 3.98 10.60
CA THR A 130 20.63 4.89 10.13
C THR A 130 20.08 5.71 8.97
N ASP A 131 20.69 6.85 8.66
CA ASP A 131 20.24 7.70 7.53
C ASP A 131 20.37 6.88 6.25
N ASP A 132 21.44 6.09 6.16
CA ASP A 132 21.64 5.23 4.96
C ASP A 132 20.48 4.23 4.85
N HIS A 133 20.05 3.65 5.97
CA HIS A 133 18.90 2.71 5.95
C HIS A 133 17.62 3.43 5.52
N VAL A 134 17.42 4.66 6.01
CA VAL A 134 16.20 5.45 5.65
C VAL A 134 16.22 5.73 4.14
N GLN A 135 17.39 6.05 3.59
CA GLN A 135 17.51 6.34 2.13
C GLN A 135 17.16 5.08 1.33
N PHE A 136 17.61 3.92 1.78
CA PHE A 136 17.39 2.67 1.00
C PHE A 136 15.91 2.26 1.09
N LEU A 137 15.32 2.39 2.27
CA LEU A 137 13.91 1.96 2.46
C LEU A 137 12.99 2.93 1.72
N ILE A 138 13.23 4.23 1.86
CA ILE A 138 12.36 5.18 1.17
C ILE A 138 12.59 5.12 -0.33
N TYR A 139 13.86 4.89 -0.74
CA TYR A 139 14.15 4.72 -2.16
C TYR A 139 13.33 3.57 -2.76
N GLN A 140 13.22 2.46 -2.04
CA GLN A 140 12.50 1.29 -2.56
C GLN A 140 11.00 1.51 -2.58
N ILE A 141 10.46 2.24 -1.60
CA ILE A 141 9.04 2.60 -1.66
C ILE A 141 8.75 3.45 -2.89
N LEU A 142 9.59 4.45 -3.13
CA LEU A 142 9.39 5.32 -4.29
C LEU A 142 9.60 4.56 -5.60
N ARG A 143 10.58 3.65 -5.62
CA ARG A 143 10.79 2.81 -6.79
C ARG A 143 9.56 1.98 -7.12
N GLY A 144 9.03 1.25 -6.11
CA GLY A 144 7.78 0.55 -6.30
C GLY A 144 6.64 1.50 -6.62
N LEU A 145 6.65 2.68 -6.01
CA LEU A 145 5.57 3.63 -6.28
C LEU A 145 5.63 4.15 -7.72
N LYS A 146 6.83 4.46 -8.22
CA LYS A 146 6.93 4.88 -9.61
C LYS A 146 6.22 3.89 -10.52
N TYR A 147 6.42 2.60 -10.27
CA TYR A 147 5.83 1.53 -11.06
C TYR A 147 4.31 1.54 -10.97
N ILE A 148 3.79 1.67 -9.74
CA ILE A 148 2.35 1.65 -9.52
C ILE A 148 1.68 2.83 -10.22
N HIS A 149 2.23 4.03 -10.02
CA HIS A 149 1.67 5.21 -10.66
C HIS A 149 1.81 5.15 -12.18
N SER A 150 2.85 4.48 -12.68
CA SER A 150 3.00 4.36 -14.14
C SER A 150 1.87 3.54 -14.74
N ALA A 151 1.19 2.72 -13.95
CA ALA A 151 0.02 1.99 -14.46
C ALA A 151 -1.27 2.74 -14.22
N ASP A 152 -1.19 4.00 -13.76
CA ASP A 152 -2.36 4.83 -13.46
C ASP A 152 -3.14 4.28 -12.27
N ILE A 153 -2.40 3.77 -11.29
CA ILE A 153 -2.96 3.26 -10.04
C ILE A 153 -2.49 4.16 -8.91
N ILE A 154 -3.41 4.49 -8.01
CA ILE A 154 -3.10 5.07 -6.71
C ILE A 154 -3.18 3.95 -5.69
N HIS A 155 -2.11 3.75 -4.91
CA HIS A 155 -2.10 2.69 -3.90
C HIS A 155 -3.15 2.95 -2.84
N ARG A 156 -3.13 4.15 -2.24
CA ARG A 156 -4.15 4.70 -1.35
C ARG A 156 -3.94 4.30 0.12
N ASP A 157 -3.02 3.39 0.43
CA ASP A 157 -2.96 2.97 1.83
C ASP A 157 -1.53 2.58 2.20
N LEU A 158 -0.57 3.38 1.76
CA LEU A 158 0.79 3.17 2.22
C LEU A 158 0.85 3.50 3.71
N LYS A 159 1.45 2.60 4.47
CA LYS A 159 1.59 2.75 5.90
C LYS A 159 2.55 1.66 6.39
N PRO A 160 3.14 1.83 7.57
CA PRO A 160 4.19 0.90 7.97
C PRO A 160 3.75 -0.57 7.93
N SER A 161 2.51 -0.89 8.25
CA SER A 161 2.10 -2.30 8.26
C SER A 161 1.84 -2.85 6.87
N ASN A 162 1.70 -1.98 5.87
CA ASN A 162 1.62 -2.36 4.47
C ASN A 162 2.99 -2.31 3.78
N LEU A 163 4.08 -2.36 4.55
CA LEU A 163 5.42 -2.31 4.01
C LEU A 163 6.28 -3.32 4.76
N ALA A 164 6.96 -4.21 4.05
CA ALA A 164 7.69 -5.26 4.73
C ALA A 164 9.04 -5.49 4.07
N VAL A 165 10.01 -5.92 4.87
CA VAL A 165 11.39 -6.08 4.41
C VAL A 165 11.89 -7.46 4.79
N ASN A 166 12.97 -7.88 4.10
CA ASN A 166 13.65 -9.13 4.40
C ASN A 166 14.95 -8.84 5.15
N GLU A 167 15.80 -9.86 5.29
CA GLU A 167 17.01 -9.71 6.09
C GLU A 167 17.98 -8.73 5.45
N ASP A 168 17.88 -8.49 4.14
CA ASP A 168 18.73 -7.53 3.46
C ASP A 168 18.13 -6.14 3.42
N CYS A 169 17.04 -5.90 4.15
CA CYS A 169 16.29 -4.65 4.07
C CYS A 169 15.76 -4.42 2.66
N GLU A 170 15.52 -5.48 1.91
CA GLU A 170 14.79 -5.35 0.65
C GLU A 170 13.30 -5.25 0.95
N LEU A 171 12.62 -4.27 0.36
CA LEU A 171 11.28 -3.89 0.80
C LEU A 171 10.22 -4.17 -0.26
N LYS A 172 9.02 -4.52 0.18
CA LYS A 172 7.89 -4.70 -0.72
C LYS A 172 6.69 -3.90 -0.22
N ILE A 173 6.02 -3.22 -1.14
CA ILE A 173 4.74 -2.60 -0.88
C ILE A 173 3.66 -3.68 -0.91
N LEU A 174 2.81 -3.70 0.11
CA LEU A 174 1.81 -4.76 0.22
C LEU A 174 0.40 -4.25 -0.08
N ASP A 175 -0.58 -4.69 0.71
CA ASP A 175 -2.00 -4.59 0.36
C ASP A 175 -2.36 -3.20 -0.13
N PHE A 176 -3.07 -3.14 -1.25
CA PHE A 176 -3.50 -1.88 -1.84
C PHE A 176 -4.77 -1.40 -1.18
N GLY A 177 -4.97 -0.08 -1.20
CA GLY A 177 -6.22 0.49 -0.73
C GLY A 177 -7.32 0.20 -1.75
N LEU A 178 -8.39 -0.44 -1.30
CA LEU A 178 -9.43 -0.90 -2.22
C LEU A 178 -10.67 -0.02 -2.21
N ALA A 179 -10.71 1.02 -1.36
CA ALA A 179 -11.84 1.94 -1.33
C ALA A 179 -11.80 2.89 -2.52
N ARG A 180 -12.98 3.12 -3.11
CA ARG A 180 -13.16 4.09 -4.19
C ARG A 180 -14.44 4.87 -3.94
N HIS A 181 -14.66 5.90 -4.76
CA HIS A 181 -15.80 6.81 -4.58
C HIS A 181 -15.81 7.43 -3.19
N VAL A 190 -9.06 -0.08 13.06
CA VAL A 190 -9.34 -0.96 11.92
C VAL A 190 -8.49 -0.56 10.72
N ALA A 191 -8.48 0.73 10.39
CA ALA A 191 -7.69 1.27 9.28
C ALA A 191 -7.14 2.61 9.71
N THR A 192 -5.84 2.67 10.00
CA THR A 192 -5.20 3.92 10.51
C THR A 192 -5.36 5.13 9.58
N ARG A 193 -5.65 6.30 10.15
CA ARG A 193 -5.72 7.57 9.39
C ARG A 193 -4.38 8.32 9.46
N TRP A 194 -3.40 7.80 10.19
CA TRP A 194 -2.12 8.53 10.43
C TRP A 194 -1.35 8.89 9.15
N TYR A 195 -1.28 7.99 8.18
CA TYR A 195 -0.52 8.22 6.92
C TYR A 195 -1.43 8.78 5.82
N ARG A 196 -2.73 8.94 6.09
CA ARG A 196 -3.68 9.42 5.06
C ARG A 196 -3.46 10.89 4.67
N ALA A 197 -3.59 11.20 3.38
CA ALA A 197 -3.51 12.59 2.89
C ALA A 197 -4.75 13.37 3.37
N PRO A 198 -4.64 14.69 3.63
CA PRO A 198 -5.75 15.47 4.17
C PRO A 198 -6.97 15.47 3.23
N GLU A 199 -6.73 15.54 1.92
CA GLU A 199 -7.84 15.60 0.92
C GLU A 199 -8.72 14.35 0.99
N ILE A 200 -8.12 13.17 1.19
CA ILE A 200 -8.92 11.91 1.23
C ILE A 200 -9.87 12.01 2.42
N MET A 201 -9.40 12.52 3.56
CA MET A 201 -10.24 12.73 4.76
C MET A 201 -11.32 13.79 4.48
N LEU A 202 -11.01 14.81 3.69
CA LEU A 202 -11.92 15.97 3.43
C LEU A 202 -12.87 15.71 2.24
N ASN A 203 -12.84 14.51 1.65
CA ASN A 203 -13.75 14.18 0.52
C ASN A 203 -13.59 15.13 -0.69
N TRP A 204 -12.35 15.46 -1.06
CA TRP A 204 -12.11 16.31 -2.26
C TRP A 204 -12.64 15.60 -3.51
N MET A 205 -12.44 14.28 -3.64
CA MET A 205 -13.06 13.47 -4.73
C MET A 205 -12.30 13.44 -6.07
N HIS A 206 -11.17 14.14 -6.23
CA HIS A 206 -10.38 13.96 -7.48
C HIS A 206 -8.94 13.77 -7.01
N TYR A 207 -8.66 12.63 -6.39
CA TYR A 207 -7.34 12.45 -5.74
C TYR A 207 -6.19 12.31 -6.72
N ASN A 208 -5.09 12.99 -6.42
CA ASN A 208 -3.82 12.85 -7.18
C ASN A 208 -3.08 11.60 -6.70
N GLN A 209 -2.12 11.10 -7.48
CA GLN A 209 -1.23 9.99 -7.06
C GLN A 209 -0.40 10.55 -5.90
N THR A 210 -0.33 11.88 -5.76
CA THR A 210 0.47 12.59 -4.72
C THR A 210 -0.03 12.23 -3.32
N VAL A 211 -1.26 11.74 -3.21
CA VAL A 211 -1.77 11.30 -1.88
C VAL A 211 -0.83 10.19 -1.37
N ASP A 212 -0.36 9.30 -2.25
CA ASP A 212 0.63 8.27 -1.85
C ASP A 212 1.93 8.96 -1.38
N ILE A 213 2.34 10.03 -2.06
CA ILE A 213 3.60 10.76 -1.70
C ILE A 213 3.45 11.33 -0.29
N TRP A 214 2.28 11.86 0.04
CA TRP A 214 2.04 12.36 1.41
C TRP A 214 2.26 11.21 2.41
N SER A 215 1.74 10.03 2.07
CA SER A 215 1.92 8.84 2.94
C SER A 215 3.42 8.49 3.02
N VAL A 216 4.16 8.60 1.90
CA VAL A 216 5.60 8.36 1.98
C VAL A 216 6.25 9.35 2.93
N GLY A 217 5.85 10.62 2.86
CA GLY A 217 6.47 11.62 3.73
C GLY A 217 6.25 11.30 5.20
N CYS A 218 5.03 10.87 5.55
CA CYS A 218 4.73 10.49 6.92
C CYS A 218 5.59 9.33 7.37
N ILE A 219 5.78 8.35 6.50
CA ILE A 219 6.59 7.19 6.84
C ILE A 219 8.05 7.60 7.02
N MET A 220 8.60 8.35 6.06
CA MET A 220 9.98 8.81 6.18
C MET A 220 10.21 9.55 7.51
N ALA A 221 9.34 10.50 7.84
CA ALA A 221 9.50 11.21 9.11
C ALA A 221 9.63 10.21 10.25
N GLU A 222 8.73 9.24 10.30
CA GLU A 222 8.73 8.24 11.38
C GLU A 222 10.02 7.43 11.38
N LEU A 223 10.50 7.00 10.21
CA LEU A 223 11.76 6.26 10.16
C LEU A 223 12.91 7.11 10.69
N LEU A 224 12.90 8.41 10.40
CA LEU A 224 13.97 9.28 10.88
C LEU A 224 13.90 9.48 12.39
N THR A 225 12.72 9.79 12.92
CA THR A 225 12.61 10.15 14.33
C THR A 225 12.24 9.00 15.26
N GLY A 226 11.73 7.89 14.74
CA GLY A 226 11.19 6.83 15.57
C GLY A 226 9.77 7.04 16.04
N ARG A 227 9.13 8.14 15.66
CA ARG A 227 7.83 8.52 16.21
C ARG A 227 6.85 8.86 15.11
N THR A 228 5.61 8.41 15.26
CA THR A 228 4.56 8.79 14.34
C THR A 228 4.51 10.32 14.17
N LEU A 229 4.52 10.77 12.91
CA LEU A 229 4.49 12.22 12.67
C LEU A 229 3.17 12.84 13.12
N PHE A 230 2.05 12.22 12.74
CA PHE A 230 0.71 12.74 12.97
C PHE A 230 -0.14 11.64 13.61
N PRO A 231 0.05 11.36 14.90
CA PRO A 231 -0.77 10.30 15.56
C PRO A 231 -2.12 10.79 16.06
N GLY A 232 -3.03 11.09 15.13
CA GLY A 232 -4.33 11.62 15.51
C GLY A 232 -5.15 10.62 16.29
N THR A 233 -5.94 11.13 17.25
CA THR A 233 -6.85 10.28 18.01
C THR A 233 -8.14 9.98 17.26
N ASP A 234 -8.51 10.83 16.32
CA ASP A 234 -9.75 10.68 15.58
C ASP A 234 -9.61 11.53 14.32
N HIS A 235 -10.71 11.64 13.56
CA HIS A 235 -10.64 12.29 12.27
C HIS A 235 -10.27 13.76 12.40
N ILE A 236 -10.95 14.51 13.30
CA ILE A 236 -10.67 15.94 13.38
C ILE A 236 -9.27 16.18 13.95
N ASP A 237 -8.88 15.38 14.96
CA ASP A 237 -7.56 15.50 15.54
C ASP A 237 -6.47 15.29 14.50
N GLN A 238 -6.66 14.33 13.61
CA GLN A 238 -5.67 14.07 12.56
C GLN A 238 -5.40 15.35 11.76
N LEU A 239 -6.47 15.99 11.27
CA LEU A 239 -6.31 17.24 10.53
C LEU A 239 -5.74 18.35 11.41
N LYS A 240 -6.16 18.41 12.68
CA LYS A 240 -5.55 19.36 13.61
C LYS A 240 -4.03 19.23 13.63
N LEU A 241 -3.53 18.02 13.82
CA LEU A 241 -2.08 17.82 13.88
C LEU A 241 -1.41 18.18 12.55
N ILE A 242 -2.06 17.87 11.43
CA ILE A 242 -1.46 18.15 10.12
C ILE A 242 -1.26 19.65 9.95
N LEU A 243 -2.32 20.43 10.20
CA LEU A 243 -2.24 21.86 10.02
C LEU A 243 -1.19 22.51 10.93
N ARG A 244 -0.98 21.96 12.14
CA ARG A 244 0.06 22.51 13.01
C ARG A 244 1.46 22.39 12.40
N LEU A 245 1.73 21.33 11.65
CA LEU A 245 3.03 21.22 11.00
C LEU A 245 3.12 22.02 9.69
N VAL A 246 2.13 21.88 8.79
CA VAL A 246 2.25 22.49 7.47
C VAL A 246 1.56 23.83 7.38
N GLY A 247 0.83 24.24 8.44
CA GLY A 247 0.20 25.54 8.47
C GLY A 247 -1.18 25.52 7.87
N THR A 248 -1.93 26.60 8.13
CA THR A 248 -3.23 26.76 7.50
C THR A 248 -3.05 27.06 6.02
N PRO A 249 -4.07 26.74 5.21
CA PRO A 249 -3.89 26.79 3.75
C PRO A 249 -3.51 28.19 3.24
N GLY A 250 -2.61 28.22 2.27
CA GLY A 250 -2.20 29.47 1.67
C GLY A 250 -3.28 30.06 0.78
N ALA A 251 -3.05 31.31 0.36
CA ALA A 251 -4.00 31.97 -0.54
C ALA A 251 -4.12 31.18 -1.85
N GLU A 252 -2.99 30.71 -2.38
CA GLU A 252 -3.05 29.99 -3.65
C GLU A 252 -3.90 28.74 -3.54
N LEU A 253 -3.93 28.10 -2.37
CA LEU A 253 -4.78 26.94 -2.14
C LEU A 253 -6.23 27.36 -1.91
N LEU A 254 -6.47 28.41 -1.12
CA LEU A 254 -7.82 28.89 -0.88
C LEU A 254 -8.53 29.20 -2.19
N LYS A 255 -7.79 29.58 -3.22
CA LYS A 255 -8.40 29.89 -4.52
C LYS A 255 -9.07 28.68 -5.15
N LYS A 256 -8.70 27.47 -4.76
CA LYS A 256 -9.21 26.27 -5.41
C LYS A 256 -10.40 25.64 -4.68
N ILE A 257 -10.89 26.30 -3.62
CA ILE A 257 -11.94 25.75 -2.76
C ILE A 257 -13.24 26.51 -3.06
N SER A 258 -14.25 25.81 -3.57
CA SER A 258 -15.49 26.51 -4.00
C SER A 258 -16.37 26.95 -2.83
N SER A 259 -16.54 26.12 -1.79
CA SER A 259 -17.51 26.50 -0.74
C SER A 259 -17.05 27.73 0.03
N GLU A 260 -17.95 28.72 0.16
CA GLU A 260 -17.65 29.92 0.99
C GLU A 260 -17.55 29.52 2.46
N SER A 261 -18.44 28.62 2.90
CA SER A 261 -18.46 28.21 4.33
C SER A 261 -17.16 27.52 4.71
N ALA A 262 -16.66 26.65 3.81
CA ALA A 262 -15.39 25.95 4.09
C ALA A 262 -14.26 26.98 4.20
N ARG A 263 -14.26 27.94 3.27
CA ARG A 263 -13.21 29.01 3.30
C ARG A 263 -13.36 29.82 4.58
N ASN A 264 -14.60 30.14 4.96
CA ASN A 264 -14.84 30.97 6.16
C ASN A 264 -14.33 30.23 7.39
N TYR A 265 -14.56 28.92 7.46
CA TYR A 265 -14.11 28.12 8.62
C TYR A 265 -12.58 28.16 8.71
N ILE A 266 -11.90 28.01 7.58
CA ILE A 266 -10.41 28.05 7.57
C ILE A 266 -9.94 29.44 8.03
N GLN A 267 -10.62 30.49 7.55
CA GLN A 267 -10.30 31.89 7.97
C GLN A 267 -10.57 32.01 9.48
N SER A 268 -11.63 31.37 9.96
CA SER A 268 -11.98 31.39 11.40
C SER A 268 -10.85 30.76 12.23
N LEU A 269 -10.23 29.71 11.72
CA LEU A 269 -9.20 28.99 12.51
C LEU A 269 -8.06 29.95 12.80
N ALA A 270 -7.43 29.83 13.97
CA ALA A 270 -6.28 30.71 14.22
C ALA A 270 -5.26 30.41 13.15
N GLN A 271 -4.70 31.46 12.55
CA GLN A 271 -3.77 31.19 11.42
C GLN A 271 -2.55 30.49 11.99
N MET A 272 -2.08 29.45 11.32
CA MET A 272 -0.85 28.78 11.78
C MET A 272 0.19 28.85 10.67
N PRO A 273 1.41 29.34 10.96
CA PRO A 273 2.48 29.38 9.99
C PRO A 273 2.99 27.96 9.74
N LYS A 274 3.46 27.67 8.52
CA LYS A 274 4.10 26.35 8.33
C LYS A 274 5.33 26.34 9.24
N MET A 275 5.57 25.25 9.97
CA MET A 275 6.78 25.11 10.81
C MET A 275 8.00 24.91 9.92
N ASN A 276 9.18 25.38 10.36
CA ASN A 276 10.38 25.06 9.54
C ASN A 276 10.72 23.59 9.79
N PHE A 277 10.89 22.81 8.71
CA PHE A 277 11.21 21.38 8.83
C PHE A 277 12.60 21.21 9.47
N ALA A 278 13.55 22.07 9.11
CA ALA A 278 14.92 21.98 9.66
C ALA A 278 14.87 21.94 11.20
N ASN A 279 14.02 22.77 11.81
CA ASN A 279 13.84 22.74 13.28
C ASN A 279 13.08 21.47 13.75
N VAL A 280 12.02 21.10 13.03
CA VAL A 280 11.17 19.92 13.41
C VAL A 280 11.98 18.63 13.33
N PHE A 281 12.83 18.50 12.31
CA PHE A 281 13.58 17.25 12.04
C PHE A 281 15.06 17.48 12.35
N ILE A 282 15.36 18.35 13.32
CA ILE A 282 16.78 18.75 13.56
C ILE A 282 17.63 17.52 13.87
N GLY A 283 18.83 17.48 13.30
CA GLY A 283 19.73 16.32 13.43
C GLY A 283 19.52 15.35 12.27
N ALA A 284 18.48 15.56 11.46
CA ALA A 284 18.29 14.74 10.25
C ALA A 284 19.21 15.25 9.13
N ASN A 285 19.48 14.42 8.13
CA ASN A 285 20.28 14.88 6.97
C ASN A 285 19.50 16.02 6.33
N PRO A 286 20.17 17.12 5.93
CA PRO A 286 19.49 18.29 5.35
C PRO A 286 18.78 17.88 4.06
N LEU A 287 19.40 17.01 3.26
CA LEU A 287 18.77 16.52 2.02
C LEU A 287 17.47 15.76 2.36
N ALA A 288 17.49 14.97 3.44
CA ALA A 288 16.26 14.26 3.87
C ALA A 288 15.19 15.29 4.26
N VAL A 289 15.59 16.35 4.95
CA VAL A 289 14.63 17.40 5.38
C VAL A 289 14.11 18.13 4.14
N ASP A 290 15.00 18.44 3.18
CA ASP A 290 14.54 19.07 1.95
C ASP A 290 13.52 18.20 1.22
N LEU A 291 13.78 16.90 1.15
CA LEU A 291 12.84 16.01 0.50
C LEU A 291 11.52 15.92 1.28
N LEU A 292 11.58 15.91 2.62
CA LEU A 292 10.34 15.93 3.39
C LEU A 292 9.51 17.17 3.08
N GLU A 293 10.17 18.32 2.89
CA GLU A 293 9.43 19.52 2.57
C GLU A 293 8.70 19.39 1.24
N LYS A 294 9.26 18.64 0.29
CA LYS A 294 8.66 18.51 -1.02
C LYS A 294 7.55 17.47 -1.06
N MET A 295 7.46 16.60 -0.06
CA MET A 295 6.41 15.60 0.05
C MET A 295 5.22 16.14 0.85
N LEU A 296 5.48 16.72 2.01
CA LEU A 296 4.43 17.10 2.96
C LEU A 296 3.90 18.49 2.68
N VAL A 297 3.49 18.72 1.45
CA VAL A 297 2.87 19.98 1.06
C VAL A 297 1.37 19.78 1.10
N LEU A 298 0.66 20.78 1.61
CA LEU A 298 -0.79 20.69 1.70
C LEU A 298 -1.40 20.57 0.31
N ASP A 299 -1.04 21.48 -0.59
CA ASP A 299 -1.54 21.50 -1.96
C ASP A 299 -0.98 20.32 -2.73
N SER A 300 -1.84 19.37 -3.11
CA SER A 300 -1.33 18.15 -3.73
C SER A 300 -0.73 18.42 -5.10
N ASP A 301 -1.16 19.49 -5.77
CA ASP A 301 -0.59 19.84 -7.06
C ASP A 301 0.88 20.16 -6.94
N LYS A 302 1.35 20.46 -5.73
CA LYS A 302 2.71 20.92 -5.52
C LYS A 302 3.60 19.89 -4.82
N ARG A 303 3.10 18.68 -4.60
CA ARG A 303 3.92 17.62 -4.04
C ARG A 303 4.80 17.03 -5.14
N ILE A 304 6.01 16.62 -4.76
CA ILE A 304 6.91 15.95 -5.68
C ILE A 304 6.33 14.60 -6.09
N THR A 305 6.58 14.21 -7.35
CA THR A 305 6.14 12.91 -7.83
C THR A 305 7.14 11.82 -7.44
N ALA A 306 6.72 10.56 -7.58
CA ALA A 306 7.61 9.45 -7.27
C ALA A 306 8.85 9.50 -8.15
N ALA A 307 8.67 9.79 -9.45
CA ALA A 307 9.80 9.79 -10.40
C ALA A 307 10.73 10.98 -10.15
N GLN A 308 10.17 12.14 -9.80
CA GLN A 308 11.02 13.27 -9.42
C GLN A 308 11.76 12.96 -8.11
N ALA A 309 11.09 12.34 -7.15
CA ALA A 309 11.76 12.07 -5.87
C ALA A 309 12.92 11.11 -6.03
N LEU A 310 12.84 10.15 -6.96
CA LEU A 310 13.93 9.21 -7.15
C LEU A 310 15.18 9.89 -7.70
N ALA A 311 15.04 11.04 -8.34
CA ALA A 311 16.17 11.81 -8.81
C ALA A 311 16.64 12.85 -7.79
N HIS A 312 16.06 12.84 -6.59
CA HIS A 312 16.49 13.77 -5.54
C HIS A 312 17.85 13.36 -4.99
N ALA A 313 18.68 14.37 -4.68
CA ALA A 313 20.05 14.13 -4.23
C ALA A 313 20.13 13.19 -3.03
N TYR A 314 19.08 13.12 -2.21
CA TYR A 314 19.11 12.22 -1.05
C TYR A 314 19.30 10.76 -1.46
N PHE A 315 18.91 10.38 -2.69
CA PHE A 315 19.01 9.01 -3.16
C PHE A 315 20.20 8.80 -4.09
N ALA A 316 21.18 9.71 -4.07
CA ALA A 316 22.31 9.61 -5.00
C ALA A 316 22.97 8.23 -4.94
N GLN A 317 23.05 7.63 -3.76
CA GLN A 317 23.74 6.35 -3.59
C GLN A 317 23.01 5.17 -4.23
N TYR A 318 21.70 5.28 -4.46
CA TYR A 318 20.90 4.17 -4.95
C TYR A 318 20.21 4.44 -6.28
N HIS A 319 20.05 5.70 -6.67
CA HIS A 319 19.35 6.03 -7.90
C HIS A 319 20.02 5.41 -9.11
N ASP A 320 19.25 4.72 -9.93
CA ASP A 320 19.74 4.21 -11.21
C ASP A 320 18.62 4.42 -12.22
N PRO A 321 18.72 5.46 -13.06
CA PRO A 321 17.61 5.76 -13.98
C PRO A 321 17.29 4.62 -14.92
N ASP A 322 18.20 3.65 -15.08
CA ASP A 322 17.98 2.54 -15.98
C ASP A 322 17.52 1.29 -15.27
N ASP A 323 17.27 1.36 -13.97
CA ASP A 323 16.77 0.19 -13.23
C ASP A 323 15.62 0.59 -12.34
N GLU A 324 14.73 1.43 -12.86
CA GLU A 324 13.55 1.91 -12.13
C GLU A 324 12.38 1.72 -13.09
N PRO A 325 11.99 0.47 -13.33
CA PRO A 325 11.11 0.18 -14.45
C PRO A 325 9.67 0.59 -14.20
N VAL A 326 8.93 0.69 -15.29
CA VAL A 326 7.55 1.12 -15.27
C VAL A 326 6.69 -0.08 -15.67
N ALA A 327 5.38 0.07 -15.45
CA ALA A 327 4.42 -1.03 -15.60
C ALA A 327 3.81 -1.07 -17.00
N ASP A 328 3.37 -2.26 -17.39
CA ASP A 328 2.53 -2.40 -18.55
C ASP A 328 1.19 -1.68 -18.34
N PRO A 329 0.56 -1.22 -19.42
CA PRO A 329 -0.76 -0.60 -19.28
C PRO A 329 -1.74 -1.50 -18.55
N TYR A 330 -2.53 -0.89 -17.67
CA TYR A 330 -3.44 -1.60 -16.80
C TYR A 330 -4.85 -1.19 -17.19
N ASP A 331 -5.62 -2.17 -17.67
CA ASP A 331 -6.99 -1.95 -18.13
C ASP A 331 -7.91 -1.97 -16.93
N GLN A 332 -8.27 -0.80 -16.42
CA GLN A 332 -9.24 -0.73 -15.32
C GLN A 332 -10.56 -0.12 -15.77
N SER A 333 -10.92 -0.30 -17.05
CA SER A 333 -12.24 0.09 -17.51
C SER A 333 -13.36 -0.56 -16.68
N PHE A 334 -13.08 -1.65 -15.97
CA PHE A 334 -14.11 -2.27 -15.14
C PHE A 334 -14.58 -1.34 -14.03
N GLU A 335 -13.72 -0.42 -13.57
CA GLU A 335 -14.10 0.45 -12.47
C GLU A 335 -15.36 1.25 -12.78
N SER A 336 -15.59 1.52 -14.07
CA SER A 336 -16.77 2.24 -14.54
C SER A 336 -18.00 1.36 -14.74
N ARG A 337 -17.91 0.06 -14.53
CA ARG A 337 -19.03 -0.83 -14.83
C ARG A 337 -19.95 -0.98 -13.62
N ASP A 338 -21.24 -1.07 -13.89
CA ASP A 338 -22.25 -1.52 -12.92
C ASP A 338 -22.82 -2.82 -13.47
N LEU A 339 -22.40 -3.94 -12.89
CA LEU A 339 -22.77 -5.26 -13.35
C LEU A 339 -23.54 -5.98 -12.27
N LEU A 340 -24.20 -7.08 -12.65
CA LEU A 340 -24.87 -7.91 -11.66
C LEU A 340 -23.83 -8.68 -10.85
N ILE A 341 -24.22 -9.03 -9.62
CA ILE A 341 -23.32 -9.73 -8.73
C ILE A 341 -22.79 -11.00 -9.38
N ASP A 342 -23.63 -11.70 -10.15
CA ASP A 342 -23.21 -12.93 -10.82
C ASP A 342 -22.12 -12.67 -11.86
N GLU A 343 -22.16 -11.52 -12.54
CA GLU A 343 -21.11 -11.19 -13.50
C GLU A 343 -19.79 -10.92 -12.77
N TRP A 344 -19.81 -10.15 -11.68
CA TRP A 344 -18.59 -9.93 -10.93
C TRP A 344 -18.00 -11.23 -10.45
N LYS A 345 -18.84 -12.10 -9.88
CA LYS A 345 -18.36 -13.41 -9.44
C LYS A 345 -17.75 -14.17 -10.61
N SER A 346 -18.40 -14.11 -11.77
CA SER A 346 -17.97 -14.89 -12.92
C SER A 346 -16.66 -14.35 -13.48
N LEU A 347 -16.51 -13.02 -13.54
CA LEU A 347 -15.26 -12.47 -14.05
C LEU A 347 -14.10 -12.80 -13.11
N THR A 348 -14.36 -12.80 -11.80
CA THR A 348 -13.34 -13.16 -10.83
C THR A 348 -12.90 -14.60 -11.03
N TYR A 349 -13.88 -15.50 -11.20
CA TYR A 349 -13.56 -16.90 -11.45
C TYR A 349 -12.69 -17.07 -12.69
N ASP A 350 -12.99 -16.35 -13.78
CA ASP A 350 -12.15 -16.40 -14.97
C ASP A 350 -10.72 -15.99 -14.64
N GLU A 351 -10.55 -14.93 -13.86
CA GLU A 351 -9.22 -14.49 -13.48
C GLU A 351 -8.51 -15.53 -12.61
N VAL A 352 -9.26 -16.21 -11.73
CA VAL A 352 -8.66 -17.29 -10.96
C VAL A 352 -8.16 -18.38 -11.89
N ILE A 353 -9.01 -18.81 -12.83
CA ILE A 353 -8.70 -19.90 -13.75
C ILE A 353 -7.48 -19.58 -14.59
N SER A 354 -7.35 -18.33 -15.03
CA SER A 354 -6.32 -18.01 -16.02
C SER A 354 -4.97 -17.68 -15.39
N PHE A 355 -4.89 -17.57 -14.06
CA PHE A 355 -3.65 -17.18 -13.40
C PHE A 355 -2.53 -18.15 -13.75
N VAL A 356 -1.34 -17.60 -14.01
CA VAL A 356 -0.15 -18.37 -14.36
C VAL A 356 0.94 -17.99 -13.37
N PRO A 357 1.48 -18.92 -12.61
CA PRO A 357 2.49 -18.55 -11.62
C PRO A 357 3.74 -18.00 -12.30
N PRO A 358 4.45 -17.10 -11.65
CA PRO A 358 5.71 -16.63 -12.22
C PRO A 358 6.72 -17.76 -12.31
N PRO A 359 7.82 -17.60 -13.08
CA PRO A 359 8.74 -18.71 -13.17
C PRO A 359 9.63 -18.70 -11.92
N LEU A 360 10.18 -19.88 -11.59
CA LEU A 360 11.21 -19.95 -10.56
C LEU A 360 12.39 -19.04 -10.92
N ASP A 361 12.97 -18.41 -9.91
CA ASP A 361 14.14 -17.57 -10.13
C ASP A 361 15.32 -18.41 -10.57
N GLN A 362 16.26 -17.77 -11.28
CA GLN A 362 17.51 -18.45 -11.63
C GLN A 362 18.25 -18.92 -10.39
N GLU A 363 18.40 -18.02 -9.40
CA GLU A 363 19.05 -18.38 -8.14
C GLU A 363 18.41 -19.62 -7.50
N GLU A 364 17.17 -19.95 -7.86
CA GLU A 364 16.47 -21.08 -7.28
C GLU A 364 16.86 -22.42 -7.90
N MET A 365 17.39 -22.42 -9.13
CA MET A 365 17.84 -23.64 -9.78
C MET A 365 19.36 -23.65 -9.89
N GLU A 366 19.92 -24.85 -10.08
CA GLU A 366 21.36 -25.07 -9.97
C GLU A 366 22.08 -25.09 -11.33
N SER A 367 22.65 -26.23 -11.71
CA SER A 367 23.44 -26.30 -12.94
C SER A 367 22.56 -26.33 -14.18
C1 BOG B . -14.05 20.26 -1.81
O1 BOG B . -14.22 20.59 -0.46
C2 BOG B . -15.37 19.59 -2.20
O2 BOG B . -15.61 18.57 -1.28
C3 BOG B . -15.22 19.12 -3.64
O3 BOG B . -16.46 18.68 -4.10
C4 BOG B . -14.75 20.29 -4.50
O4 BOG B . -14.44 19.80 -5.77
C5 BOG B . -13.49 20.94 -3.89
O5 BOG B . -13.76 21.36 -2.58
C6 BOG B . -13.09 22.17 -4.74
O6 BOG B . -13.96 23.25 -4.49
C1' BOG B . -13.04 20.77 0.23
C2' BOG B . -13.22 21.94 1.18
C3' BOG B . -12.05 21.92 2.16
C4' BOG B . -12.51 21.26 3.46
C5' BOG B . -12.57 22.33 4.54
C6' BOG B . -13.59 21.90 5.58
C7' BOG B . -14.06 23.11 6.40
C8' BOG B . -15.51 22.87 6.83
H1 BOG B . -13.28 19.68 -1.93
H2 BOG B . -16.14 20.18 -2.18
HO2 BOG B . -14.92 18.07 -1.23
H3 BOG B . -14.58 18.39 -3.70
HO3 BOG B . -16.94 19.34 -4.33
H4 BOG B . -15.44 20.97 -4.53
HO4 BOG B . -13.60 19.67 -5.84
H5 BOG B . -12.76 20.31 -3.89
H61 BOG B . -13.14 21.94 -5.68
H62 BOG B . -12.19 22.43 -4.52
HO6 BOG B . -13.81 23.87 -5.04
H1'1 BOG B . -12.32 20.96 -0.39
H1'2 BOG B . -12.82 19.97 0.73
H2'1 BOG B . -14.06 21.85 1.66
H2'2 BOG B . -13.22 22.78 0.69
H3'1 BOG B . -11.31 21.42 1.78
H3'2 BOG B . -11.77 22.83 2.34
H4'1 BOG B . -11.88 20.56 3.71
H4'2 BOG B . -13.39 20.87 3.33
H5'1 BOG B . -12.82 23.17 4.15
H5'2 BOG B . -11.70 22.41 4.96
H6'1 BOG B . -13.19 21.25 6.18
H6'2 BOG B . -14.36 21.50 5.14
H7'1 BOG B . -14.01 23.92 5.84
H7'2 BOG B . -13.51 23.22 7.18
H8'1 BOG B . -15.85 23.66 7.29
H8'2 BOG B . -16.05 22.71 6.03
H8'3 BOG B . -15.55 22.11 7.41
C1 BOG C . -5.63 19.60 -3.59
O1 BOG C . -4.60 19.67 -2.66
C2 BOG C . -5.32 20.54 -4.75
O2 BOG C . -5.18 21.87 -4.29
C3 BOG C . -6.48 20.46 -5.75
O3 BOG C . -6.13 21.21 -6.87
C4 BOG C . -6.70 19.02 -6.15
O4 BOG C . -7.84 18.92 -6.97
C5 BOG C . -6.87 18.16 -4.88
O5 BOG C . -5.75 18.27 -4.05
C6 BOG C . -7.04 16.71 -5.37
O6 BOG C . -7.29 15.92 -4.25
C1' BOG C . -4.93 19.03 -1.47
C2' BOG C . -5.45 20.09 -0.49
C3' BOG C . -5.72 19.46 0.88
C4' BOG C . -5.92 20.54 1.95
C5' BOG C . -6.84 19.99 3.04
C6' BOG C . -7.12 21.05 4.11
C7' BOG C . -8.47 21.71 3.85
C8' BOG C . -8.30 22.86 2.86
H1 BOG C . -6.48 19.85 -3.19
H2 BOG C . -4.49 20.27 -5.16
HO2 BOG C . -5.56 22.39 -4.83
H3 BOG C . -7.29 20.81 -5.35
HO3 BOG C . -5.40 21.62 -6.72
H4 BOG C . -5.93 18.68 -6.66
HO4 BOG C . -8.52 19.17 -6.53
H5 BOG C . -7.63 18.44 -4.36
H61 BOG C . -6.23 16.41 -5.80
H62 BOG C . -7.79 16.66 -5.98
HO6 BOG C . -7.63 16.41 -3.63
H1'1 BOG C . -4.15 18.60 -1.09
H1'2 BOG C . -5.62 18.37 -1.62
H2'1 BOG C . -6.27 20.48 -0.84
H2'2 BOG C . -4.79 20.79 -0.39
H3'1 BOG C . -6.53 18.91 0.82
H3'2 BOG C . -4.97 18.91 1.13
H4'1 BOG C . -6.33 21.33 1.55
H4'2 BOG C . -5.07 20.78 2.33
H5'1 BOG C . -6.41 19.22 3.47
H5'2 BOG C . -7.68 19.71 2.65
H6'1 BOG C . -6.42 21.72 4.10
H6'2 BOG C . -7.14 20.63 4.99
H7'1 BOG C . -8.83 22.05 4.68
H7'2 BOG C . -9.08 21.05 3.48
H8'1 BOG C . -9.13 23.37 2.81
H8'2 BOG C . -7.58 23.44 3.16
H8'3 BOG C . -8.10 22.50 1.98
C13 WHQ D . -1.27 -12.78 0.30
C15 WHQ D . 5.23 -10.86 7.03
C17 WHQ D . 3.90 -8.88 7.20
C21 WHQ D . -1.94 -6.67 6.03
O01 WHQ D . 6.19 -11.10 10.54
C11 WHQ D . -1.57 -10.86 -1.20
C12 WHQ D . -1.49 -12.35 -0.93
C16 WHQ D . 5.46 -10.47 8.40
C19 WHQ D . 8.09 -13.02 9.70
CL1 WHQ D . -1.46 -8.24 -0.48
C1 WHQ D . 4.35 -9.94 6.38
C10 WHQ D . -1.38 -10.00 -0.21
C14 WHQ D . -1.07 -11.79 1.45
C18 WHQ D . 6.32 -11.26 9.36
C2 WHQ D . 2.51 -9.89 4.64
C20 WHQ D . -1.06 -8.65 5.09
C3 WHQ D . 2.54 -10.28 3.28
C4 WHQ D . 3.88 -10.77 3.06
C5 WHQ D . 1.36 -9.39 5.22
C6 WHQ D . 0.19 -9.24 4.45
C7 WHQ D . 0.23 -9.62 3.09
C8 WHQ D . 1.40 -10.14 2.52
C9 WHQ D . -1.13 -10.49 1.20
F1 WHQ D . -0.84 -12.27 2.71
N1 WHQ D . 3.93 -10.13 5.03
N2 WHQ D . 4.64 -10.73 4.10
N3 WHQ D . -0.94 -9.50 2.26
N4 WHQ D . 7.23 -12.24 8.81
O1 WHQ D . -0.90 -7.27 5.28
S1 WHQ D . 4.55 -9.03 8.80
H7 WHQ D . -1.22 -13.70 0.48
H8 WHQ D . 5.81 -11.42 6.57
H9 WHQ D . 3.63 -8.13 6.88
H21 WHQ D . -1.71 -5.77 6.21
H17 WHQ D . -2.04 -7.13 6.84
H16 WHQ D . -2.73 -6.71 5.53
H5 WHQ D . -1.73 -10.55 -2.06
H6 WHQ D . -1.61 -12.96 -1.62
H12 WHQ D . 8.91 -13.17 9.28
H13 WHQ D . 7.67 -13.83 9.89
H11 WHQ D . 8.22 -12.54 10.50
H15 WHQ D . -1.22 -9.07 5.91
H14 WHQ D . -1.79 -8.80 4.52
H1 WHQ D . 4.18 -11.07 2.24
H2 WHQ D . 1.36 -9.14 6.11
H3 WHQ D . 1.40 -10.39 1.62
H4 WHQ D . -1.51 -8.86 2.38
H10 WHQ D . 7.27 -12.37 7.95
#